data_8OYF
#
_entry.id   8OYF
#
_cell.length_a   49.479
_cell.length_b   80.609
_cell.length_c   86.453
_cell.angle_alpha   90.000
_cell.angle_beta   90.000
_cell.angle_gamma   90.000
#
_symmetry.space_group_name_H-M   'P 21 21 21'
#
loop_
_entity.id
_entity.type
_entity.pdbx_description
1 polymer Transporter
2 non-polymer 'SODIUM ION'
3 non-polymer PHOSPHATIDYLETHANOLAMINE
4 non-polymer '(2S)-2,3-dihydroxypropyl (9Z)-octadec-9-enoate'
5 non-polymer 'NICKEL (II) ION'
6 non-polymer 'SULFATE ION'
7 water water
#
_entity_poly.entity_id   1
_entity_poly.type   'polypeptide(L)'
_entity_poly.pdbx_seq_one_letter_code
;MNILSKISSFIGKTFSLWAALFAAAAFFAPDTFKWAGPYIPWLLGIIMFGMGLTLKPSDFDILFKHPKVVIIGVIAQFAI
MPATAWLLSKLLNLPAEIAVGVILVGCCPGGTASNVMTYLARGNVALSVAVTSVSTLISPLLTPAIFLMLAGEMLEIQAA
GMLMSIVKMVLLPIVLGLIVHKVLGSKTEKLTDALPLVSVAAIVLIIGAVVGASKGKIMESGLLIFAVVVLHNGIGYLLG
FFAAKWTGLPYDAQKTLTIEVGMQNSGLAAALAAAHFAAAPVVAVPGALFSVWHNISGSLLATYWAAKAGKHKKPGSLEV
LFQ
;
_entity_poly.pdbx_strand_id   A
#
# COMPACT_ATOMS: atom_id res chain seq x y z
N ILE A 3 16.28 22.57 -3.12
CA ILE A 3 16.05 22.09 -4.47
C ILE A 3 15.52 20.67 -4.40
N LEU A 4 16.19 19.84 -3.60
CA LEU A 4 15.76 18.45 -3.46
C LEU A 4 14.34 18.34 -2.92
N SER A 5 13.93 19.31 -2.09
CA SER A 5 12.64 19.19 -1.43
C SER A 5 11.49 19.53 -2.37
N LYS A 6 11.59 20.64 -3.10
CA LYS A 6 10.45 21.08 -3.90
C LYS A 6 10.19 20.12 -5.07
N ILE A 7 11.24 19.55 -5.66
CA ILE A 7 10.99 18.56 -6.71
C ILE A 7 10.35 17.32 -6.11
N SER A 8 10.66 17.00 -4.86
CA SER A 8 10.02 15.87 -4.20
C SER A 8 8.51 16.07 -4.10
N SER A 9 8.08 17.31 -3.80
CA SER A 9 6.65 17.59 -3.72
C SER A 9 5.99 17.53 -5.10
N PHE A 10 6.66 18.06 -6.12
CA PHE A 10 6.11 17.98 -7.47
C PHE A 10 6.01 16.51 -7.90
N ILE A 11 7.10 15.75 -7.74
CA ILE A 11 7.06 14.34 -8.08
C ILE A 11 5.97 13.63 -7.28
N GLY A 12 5.76 14.04 -6.03
CA GLY A 12 4.71 13.44 -5.24
C GLY A 12 3.33 13.74 -5.81
N LYS A 13 3.10 14.98 -6.24
CA LYS A 13 1.79 15.35 -6.78
C LYS A 13 1.54 14.68 -8.13
N THR A 14 2.59 14.35 -8.87
CA THR A 14 2.47 13.83 -10.23
C THR A 14 2.81 12.35 -10.31
N PHE A 15 2.80 11.64 -9.19
CA PHE A 15 3.31 10.27 -9.15
C PHE A 15 2.60 9.38 -10.16
N SER A 16 1.26 9.45 -10.20
CA SER A 16 0.51 8.53 -11.06
C SER A 16 0.85 8.75 -12.53
N LEU A 17 1.23 9.96 -12.91
CA LEU A 17 1.62 10.22 -14.29
C LEU A 17 2.96 9.58 -14.61
N TRP A 18 3.94 9.74 -13.71
CA TRP A 18 5.23 9.08 -13.90
C TRP A 18 5.05 7.57 -13.94
N ALA A 19 4.27 7.02 -12.99
CA ALA A 19 4.07 5.57 -12.95
C ALA A 19 3.37 5.08 -14.21
N ALA A 20 2.38 5.83 -14.70
CA ALA A 20 1.67 5.40 -15.91
C ALA A 20 2.59 5.37 -17.11
N LEU A 21 3.53 6.31 -17.21
CA LEU A 21 4.43 6.34 -18.36
C LEU A 21 5.47 5.23 -18.28
N PHE A 22 5.98 4.94 -17.09
CA PHE A 22 6.88 3.80 -16.93
C PHE A 22 6.14 2.49 -17.22
N ALA A 23 4.88 2.40 -16.77
CA ALA A 23 4.09 1.21 -17.06
C ALA A 23 3.88 1.03 -18.56
N ALA A 24 3.58 2.13 -19.27
CA ALA A 24 3.41 2.05 -20.71
C ALA A 24 4.70 1.62 -21.39
N ALA A 25 5.82 2.21 -20.97
CA ALA A 25 7.12 1.83 -21.53
C ALA A 25 7.36 0.34 -21.36
N ALA A 26 6.98 -0.21 -20.21
CA ALA A 26 7.17 -1.64 -19.98
C ALA A 26 6.19 -2.48 -20.77
N PHE A 27 4.99 -1.95 -21.04
CA PHE A 27 4.01 -2.70 -21.79
C PHE A 27 4.38 -2.83 -23.26
N PHE A 28 5.16 -1.89 -23.80
CA PHE A 28 5.61 -1.96 -25.19
C PHE A 28 7.04 -2.46 -25.33
N ALA A 29 7.82 -2.45 -24.26
CA ALA A 29 9.21 -2.91 -24.28
C ALA A 29 9.48 -3.70 -23.00
N PRO A 30 8.87 -4.89 -22.86
CA PRO A 30 9.06 -5.68 -21.64
C PRO A 30 10.52 -5.90 -21.24
N ASP A 31 11.42 -6.15 -22.20
CA ASP A 31 12.83 -6.28 -21.86
C ASP A 31 13.36 -5.07 -21.10
N THR A 32 12.65 -3.94 -21.15
CA THR A 32 13.10 -2.73 -20.47
C THR A 32 13.46 -2.99 -19.01
N PHE A 33 12.46 -3.39 -18.21
CA PHE A 33 12.61 -3.45 -16.76
C PHE A 33 12.72 -4.88 -16.22
N LYS A 34 12.86 -5.88 -17.07
CA LYS A 34 12.96 -7.25 -16.57
C LYS A 34 14.25 -7.48 -15.80
N TRP A 35 15.24 -6.60 -15.96
CA TRP A 35 16.43 -6.66 -15.11
C TRP A 35 16.10 -6.36 -13.66
N ALA A 36 14.99 -5.65 -13.40
CA ALA A 36 14.62 -5.25 -12.05
C ALA A 36 13.81 -6.31 -11.32
N GLY A 37 13.28 -7.29 -12.03
CA GLY A 37 12.48 -8.33 -11.42
C GLY A 37 13.14 -8.94 -10.20
N PRO A 38 14.36 -9.44 -10.35
CA PRO A 38 15.05 -10.07 -9.20
C PRO A 38 15.28 -9.13 -8.03
N TYR A 39 15.17 -7.82 -8.22
CA TYR A 39 15.44 -6.85 -7.18
C TYR A 39 14.18 -6.27 -6.55
N ILE A 40 13.01 -6.77 -6.93
CA ILE A 40 11.76 -6.22 -6.38
C ILE A 40 11.75 -6.28 -4.85
N PRO A 41 12.04 -7.41 -4.21
CA PRO A 41 12.08 -7.42 -2.73
C PRO A 41 12.99 -6.35 -2.15
N TRP A 42 14.16 -6.12 -2.76
CA TRP A 42 15.06 -5.10 -2.25
C TRP A 42 14.52 -3.71 -2.52
N LEU A 43 13.88 -3.51 -3.67
CA LEU A 43 13.26 -2.21 -3.95
C LEU A 43 12.18 -1.89 -2.92
N LEU A 44 11.37 -2.89 -2.54
CA LEU A 44 10.42 -2.67 -1.45
C LEU A 44 11.14 -2.47 -0.13
N GLY A 45 12.21 -3.24 0.10
CA GLY A 45 12.96 -3.06 1.34
C GLY A 45 13.45 -1.64 1.53
N ILE A 46 13.92 -1.01 0.45
CA ILE A 46 14.34 0.38 0.53
C ILE A 46 13.17 1.26 0.94
N ILE A 47 12.01 1.04 0.33
CA ILE A 47 10.83 1.85 0.67
C ILE A 47 10.51 1.72 2.16
N MET A 48 10.51 0.48 2.67
CA MET A 48 10.19 0.27 4.08
C MET A 48 11.32 0.75 4.98
N PHE A 49 12.57 0.70 4.50
CA PHE A 49 13.65 1.32 5.25
C PHE A 49 13.40 2.82 5.40
N GLY A 50 12.87 3.46 4.35
CA GLY A 50 12.49 4.86 4.46
C GLY A 50 11.40 5.10 5.49
N MET A 51 10.45 4.17 5.58
CA MET A 51 9.40 4.30 6.58
C MET A 51 9.97 4.24 7.99
N GLY A 52 10.97 3.39 8.21
CA GLY A 52 11.60 3.31 9.51
C GLY A 52 12.39 4.55 9.87
N LEU A 53 12.98 5.20 8.87
CA LEU A 53 13.75 6.41 9.14
C LEU A 53 12.86 7.56 9.62
N THR A 54 11.59 7.57 9.21
CA THR A 54 10.69 8.66 9.53
C THR A 54 9.85 8.39 10.78
N LEU A 55 9.90 7.19 11.35
CA LEU A 55 9.17 6.90 12.57
C LEU A 55 9.86 7.53 13.77
N LYS A 56 9.08 8.03 14.71
CA LYS A 56 9.57 8.62 15.94
C LYS A 56 8.68 8.18 17.09
N PRO A 57 9.19 8.21 18.32
CA PRO A 57 8.37 7.75 19.45
C PRO A 57 7.07 8.53 19.61
N SER A 58 7.06 9.81 19.25
CA SER A 58 5.83 10.60 19.38
C SER A 58 4.76 10.16 18.39
N ASP A 59 5.13 9.38 17.36
CA ASP A 59 4.13 8.81 16.45
C ASP A 59 3.29 7.73 17.10
N PHE A 60 3.69 7.22 18.27
CA PHE A 60 2.90 6.24 19.00
C PHE A 60 2.27 6.82 20.25
N ASP A 61 2.45 8.12 20.51
CA ASP A 61 1.79 8.73 21.66
C ASP A 61 0.28 8.46 21.65
N ILE A 62 -0.34 8.53 20.47
CA ILE A 62 -1.78 8.31 20.39
C ILE A 62 -2.13 6.87 20.71
N LEU A 63 -1.21 5.94 20.48
CA LEU A 63 -1.48 4.54 20.80
C LEU A 63 -1.63 4.32 22.30
N PHE A 64 -0.82 5.01 23.10
CA PHE A 64 -0.91 4.88 24.55
C PHE A 64 -1.91 5.84 25.17
N LYS A 65 -2.20 6.97 24.52
CA LYS A 65 -3.25 7.85 25.03
C LYS A 65 -4.63 7.37 24.61
N HIS A 66 -4.78 6.94 23.37
CA HIS A 66 -6.08 6.63 22.77
C HIS A 66 -5.99 5.32 22.02
N PRO A 67 -5.77 4.21 22.73
CA PRO A 67 -5.60 2.93 22.03
C PRO A 67 -6.85 2.46 21.28
N LYS A 68 -8.04 2.77 21.80
CA LYS A 68 -9.25 2.21 21.21
C LYS A 68 -9.48 2.73 19.80
N VAL A 69 -9.27 4.03 19.56
CA VAL A 69 -9.46 4.55 18.20
C VAL A 69 -8.44 3.93 17.26
N VAL A 70 -7.19 3.76 17.72
CA VAL A 70 -6.18 3.12 16.89
C VAL A 70 -6.59 1.67 16.60
N ILE A 71 -7.02 0.95 17.64
CA ILE A 71 -7.43 -0.44 17.44
C ILE A 71 -8.57 -0.51 16.44
N ILE A 72 -9.55 0.39 16.56
CA ILE A 72 -10.66 0.42 15.60
C ILE A 72 -10.12 0.53 14.18
N GLY A 73 -9.15 1.42 13.96
CA GLY A 73 -8.58 1.56 12.63
C GLY A 73 -7.91 0.28 12.15
N VAL A 74 -7.14 -0.37 13.02
CA VAL A 74 -6.43 -1.58 12.62
C VAL A 74 -7.43 -2.70 12.32
N ILE A 75 -8.47 -2.83 13.14
CA ILE A 75 -9.48 -3.86 12.89
C ILE A 75 -10.18 -3.60 11.57
N ALA A 76 -10.59 -2.34 11.34
CA ALA A 76 -11.26 -2.01 10.10
C ALA A 76 -10.40 -2.34 8.89
N GLN A 77 -9.08 -2.11 9.01
CA GLN A 77 -8.17 -2.43 7.91
C GLN A 77 -8.28 -3.89 7.52
N PHE A 78 -8.10 -4.79 8.48
CA PHE A 78 -7.99 -6.23 8.20
C PHE A 78 -9.34 -6.93 8.12
N ALA A 79 -10.42 -6.26 8.47
CA ALA A 79 -11.76 -6.82 8.30
C ALA A 79 -12.36 -6.48 6.94
N ILE A 80 -12.13 -5.26 6.46
CA ILE A 80 -12.83 -4.77 5.27
C ILE A 80 -12.10 -5.16 3.99
N MET A 81 -10.79 -4.96 3.94
CA MET A 81 -10.10 -5.04 2.65
C MET A 81 -9.88 -6.48 2.21
N PRO A 82 -9.56 -7.42 3.11
CA PRO A 82 -9.50 -8.81 2.67
C PRO A 82 -10.87 -9.36 2.30
N ALA A 83 -11.88 -9.08 3.11
CA ALA A 83 -13.23 -9.57 2.81
C ALA A 83 -13.75 -8.98 1.51
N THR A 84 -13.52 -7.67 1.30
CA THR A 84 -13.95 -7.04 0.07
C THR A 84 -13.29 -7.68 -1.15
N ALA A 85 -11.98 -7.96 -1.05
CA ALA A 85 -11.27 -8.59 -2.15
C ALA A 85 -11.83 -9.97 -2.46
N TRP A 86 -12.20 -10.72 -1.42
CA TRP A 86 -12.76 -12.05 -1.64
C TRP A 86 -14.15 -11.97 -2.25
N LEU A 87 -14.99 -11.05 -1.74
CA LEU A 87 -16.35 -10.95 -2.27
C LEU A 87 -16.34 -10.52 -3.73
N LEU A 88 -15.47 -9.57 -4.09
CA LEU A 88 -15.35 -9.17 -5.48
C LEU A 88 -14.88 -10.34 -6.34
N SER A 89 -13.86 -11.07 -5.88
CA SER A 89 -13.35 -12.19 -6.64
C SER A 89 -14.42 -13.23 -6.89
N LYS A 90 -15.22 -13.54 -5.87
CA LYS A 90 -16.28 -14.55 -6.02
C LYS A 90 -17.40 -14.03 -6.91
N LEU A 91 -17.87 -12.79 -6.66
CA LEU A 91 -19.03 -12.29 -7.38
C LEU A 91 -18.73 -12.04 -8.86
N LEU A 92 -17.53 -11.55 -9.16
CA LEU A 92 -17.12 -11.33 -10.53
C LEU A 92 -16.55 -12.58 -11.19
N ASN A 93 -16.51 -13.70 -10.47
CA ASN A 93 -15.95 -14.96 -10.96
C ASN A 93 -14.62 -14.72 -11.66
N LEU A 94 -13.65 -14.23 -10.88
CA LEU A 94 -12.33 -13.92 -11.41
C LEU A 94 -11.49 -15.19 -11.50
N PRO A 95 -10.65 -15.31 -12.54
CA PRO A 95 -9.73 -16.44 -12.61
C PRO A 95 -8.92 -16.56 -11.32
N ALA A 96 -8.49 -17.79 -11.00
CA ALA A 96 -7.79 -18.03 -9.74
C ALA A 96 -6.56 -17.13 -9.62
N GLU A 97 -5.79 -16.99 -10.70
CA GLU A 97 -4.57 -16.18 -10.64
C GLU A 97 -4.89 -14.74 -10.25
N ILE A 98 -5.90 -14.16 -10.88
CA ILE A 98 -6.23 -12.76 -10.60
C ILE A 98 -6.86 -12.63 -9.22
N ALA A 99 -7.78 -13.53 -8.87
CA ALA A 99 -8.40 -13.47 -7.55
C ALA A 99 -7.35 -13.55 -6.44
N VAL A 100 -6.35 -14.42 -6.60
CA VAL A 100 -5.30 -14.52 -5.59
C VAL A 100 -4.57 -13.21 -5.44
N GLY A 101 -4.27 -12.54 -6.56
CA GLY A 101 -3.56 -11.28 -6.49
C GLY A 101 -4.39 -10.17 -5.90
N VAL A 102 -5.69 -10.17 -6.20
CA VAL A 102 -6.60 -9.18 -5.62
C VAL A 102 -6.73 -9.41 -4.12
N ILE A 103 -6.92 -10.66 -3.71
CA ILE A 103 -7.00 -10.99 -2.29
C ILE A 103 -5.70 -10.64 -1.59
N LEU A 104 -4.57 -10.93 -2.25
CA LEU A 104 -3.28 -10.58 -1.67
C LEU A 104 -3.18 -9.09 -1.37
N VAL A 105 -3.59 -8.26 -2.33
CA VAL A 105 -3.61 -6.81 -2.09
C VAL A 105 -4.49 -6.50 -0.88
N GLY A 106 -5.68 -7.10 -0.84
CA GLY A 106 -6.60 -6.84 0.26
C GLY A 106 -6.07 -7.27 1.62
N CYS A 107 -5.12 -8.20 1.65
CA CYS A 107 -4.57 -8.71 2.90
C CYS A 107 -3.38 -7.92 3.40
N CYS A 108 -2.80 -7.06 2.57
CA CYS A 108 -1.65 -6.27 3.00
C CYS A 108 -2.08 -5.17 3.95
N PRO A 109 -1.14 -4.60 4.71
CA PRO A 109 -1.48 -3.45 5.57
C PRO A 109 -1.69 -2.19 4.76
N GLY A 110 -1.97 -1.08 5.44
CA GLY A 110 -2.10 0.19 4.75
C GLY A 110 -0.76 0.72 4.27
N GLY A 111 -0.83 1.75 3.43
CA GLY A 111 0.35 2.38 2.87
C GLY A 111 0.56 3.76 3.47
N THR A 112 1.83 4.15 3.62
CA THR A 112 2.15 5.41 4.27
C THR A 112 1.64 6.61 3.48
N ALA A 113 1.32 6.43 2.20
CA ALA A 113 0.73 7.52 1.44
C ALA A 113 -0.57 8.00 2.09
N SER A 114 -1.23 7.13 2.84
CA SER A 114 -2.45 7.54 3.54
C SER A 114 -2.15 8.64 4.56
N ASN A 115 -0.93 8.69 5.09
CA ASN A 115 -0.58 9.75 6.02
C ASN A 115 -0.64 11.11 5.35
N VAL A 116 -0.18 11.19 4.10
CA VAL A 116 -0.17 12.45 3.37
C VAL A 116 -1.58 12.82 2.92
N MET A 117 -2.31 11.85 2.36
CA MET A 117 -3.69 12.14 1.94
C MET A 117 -4.53 12.59 3.13
N THR A 118 -4.32 12.01 4.31
CA THR A 118 -5.05 12.44 5.49
C THR A 118 -4.72 13.88 5.83
N TYR A 119 -3.44 14.26 5.74
CA TYR A 119 -3.05 15.65 5.96
C TYR A 119 -3.73 16.57 4.95
N LEU A 120 -3.65 16.20 3.67
CA LEU A 120 -4.29 17.01 2.64
C LEU A 120 -5.80 17.06 2.81
N ALA A 121 -6.39 16.00 3.35
CA ALA A 121 -7.83 15.95 3.57
C ALA A 121 -8.25 16.65 4.86
N ARG A 122 -7.30 17.03 5.71
CA ARG A 122 -7.58 17.67 6.99
C ARG A 122 -8.25 16.70 7.96
N GLY A 123 -7.82 15.44 7.93
CA GLY A 123 -8.21 14.47 8.93
C GLY A 123 -7.22 14.45 10.08
N ASN A 124 -7.32 13.40 10.90
CA ASN A 124 -6.46 13.23 12.07
C ASN A 124 -5.17 12.55 11.61
N VAL A 125 -4.09 13.31 11.49
CA VAL A 125 -2.87 12.76 10.93
C VAL A 125 -2.20 11.83 11.93
N ALA A 126 -2.20 12.18 13.21
CA ALA A 126 -1.61 11.30 14.21
C ALA A 126 -2.26 9.93 14.19
N LEU A 127 -3.59 9.89 13.97
CA LEU A 127 -4.29 8.62 13.90
C LEU A 127 -3.89 7.84 12.65
N SER A 128 -3.83 8.52 11.50
CA SER A 128 -3.43 7.85 10.26
C SER A 128 -2.04 7.23 10.42
N VAL A 129 -1.09 7.98 10.97
CA VAL A 129 0.27 7.46 11.12
C VAL A 129 0.28 6.25 12.05
N ALA A 130 -0.47 6.31 13.15
CA ALA A 130 -0.46 5.22 14.11
C ALA A 130 -1.05 3.95 13.51
N VAL A 131 -2.19 4.08 12.83
CA VAL A 131 -2.86 2.90 12.31
C VAL A 131 -2.02 2.24 11.22
N THR A 132 -1.41 3.03 10.34
CA THR A 132 -0.54 2.45 9.32
C THR A 132 0.67 1.77 9.96
N SER A 133 1.28 2.41 10.95
CA SER A 133 2.44 1.83 11.61
C SER A 133 2.08 0.50 12.27
N VAL A 134 0.97 0.46 13.00
CA VAL A 134 0.62 -0.76 13.72
C VAL A 134 0.22 -1.86 12.74
N SER A 135 -0.59 -1.52 11.73
CA SER A 135 -0.97 -2.51 10.73
CA SER A 135 -0.97 -2.50 10.73
C SER A 135 0.26 -3.08 10.05
N THR A 136 1.25 -2.23 9.75
CA THR A 136 2.46 -2.69 9.09
C THR A 136 3.26 -3.63 9.97
N LEU A 137 3.41 -3.28 11.25
CA LEU A 137 4.29 -4.04 12.14
C LEU A 137 3.70 -5.41 12.49
N ILE A 138 2.37 -5.56 12.46
CA ILE A 138 1.77 -6.86 12.71
C ILE A 138 1.42 -7.60 11.42
N SER A 139 1.71 -7.02 10.25
CA SER A 139 1.38 -7.69 9.01
C SER A 139 2.12 -9.01 8.80
N PRO A 140 3.34 -9.22 9.30
CA PRO A 140 3.98 -10.54 9.12
C PRO A 140 3.15 -11.68 9.66
N LEU A 141 2.33 -11.43 10.69
CA LEU A 141 1.42 -12.42 11.22
C LEU A 141 0.06 -12.38 10.53
N LEU A 142 -0.53 -11.19 10.38
CA LEU A 142 -1.91 -11.10 9.95
C LEU A 142 -2.06 -11.26 8.44
N THR A 143 -1.15 -10.69 7.65
CA THR A 143 -1.29 -10.79 6.20
C THR A 143 -1.23 -12.24 5.74
N PRO A 144 -0.24 -13.05 6.13
CA PRO A 144 -0.28 -14.47 5.72
C PRO A 144 -1.47 -15.22 6.29
N ALA A 145 -1.87 -14.96 7.54
CA ALA A 145 -2.97 -15.71 8.13
C ALA A 145 -4.26 -15.48 7.37
N ILE A 146 -4.57 -14.22 7.05
CA ILE A 146 -5.81 -13.92 6.34
C ILE A 146 -5.71 -14.36 4.89
N PHE A 147 -4.55 -14.16 4.26
CA PHE A 147 -4.36 -14.60 2.88
C PHE A 147 -4.55 -16.11 2.77
N LEU A 148 -4.00 -16.86 3.72
CA LEU A 148 -4.19 -18.32 3.73
C LEU A 148 -5.66 -18.69 3.80
N MET A 149 -6.43 -18.02 4.68
CA MET A 149 -7.83 -18.40 4.86
C MET A 149 -8.66 -18.10 3.62
N LEU A 150 -8.43 -16.96 2.97
CA LEU A 150 -9.29 -16.54 1.87
C LEU A 150 -8.85 -17.09 0.52
N ALA A 151 -7.56 -17.33 0.33
CA ALA A 151 -7.04 -17.76 -0.96
C ALA A 151 -6.48 -19.17 -0.95
N GLY A 152 -6.46 -19.83 0.21
CA GLY A 152 -5.83 -21.13 0.32
C GLY A 152 -6.49 -22.23 -0.48
N GLU A 153 -7.73 -22.03 -0.90
CA GLU A 153 -8.44 -23.01 -1.72
C GLU A 153 -8.33 -22.74 -3.21
N MET A 154 -7.55 -21.72 -3.59
CA MET A 154 -7.34 -21.35 -4.99
C MET A 154 -5.97 -21.79 -5.49
N LEU A 155 -4.91 -21.45 -4.75
CA LEU A 155 -3.56 -21.92 -5.05
C LEU A 155 -2.91 -22.35 -3.75
N GLU A 156 -1.87 -23.17 -3.86
CA GLU A 156 -1.10 -23.55 -2.67
C GLU A 156 -0.40 -22.32 -2.10
N ILE A 157 -0.56 -22.12 -0.80
CA ILE A 157 0.00 -20.97 -0.09
C ILE A 157 0.96 -21.48 0.97
N GLN A 158 2.17 -20.92 1.00
CA GLN A 158 3.16 -21.21 2.03
C GLN A 158 3.15 -20.04 3.00
N ALA A 159 2.25 -20.11 3.99
CA ALA A 159 2.00 -18.96 4.84
C ALA A 159 3.22 -18.61 5.68
N ALA A 160 3.87 -19.60 6.28
CA ALA A 160 5.05 -19.33 7.08
C ALA A 160 6.18 -18.75 6.21
N GLY A 161 6.29 -19.22 4.97
CA GLY A 161 7.28 -18.64 4.08
C GLY A 161 6.98 -17.18 3.76
N MET A 162 5.70 -16.83 3.64
CA MET A 162 5.35 -15.45 3.37
C MET A 162 5.57 -14.56 4.59
N LEU A 163 5.36 -15.10 5.79
CA LEU A 163 5.70 -14.36 7.00
C LEU A 163 7.17 -13.98 7.02
N MET A 164 8.05 -14.92 6.67
CA MET A 164 9.48 -14.62 6.65
C MET A 164 9.82 -13.62 5.56
N SER A 165 9.09 -13.65 4.43
CA SER A 165 9.32 -12.65 3.39
C SER A 165 8.96 -11.25 3.89
N ILE A 166 7.86 -11.14 4.64
CA ILE A 166 7.47 -9.84 5.17
C ILE A 166 8.45 -9.39 6.25
N VAL A 167 8.93 -10.32 7.07
CA VAL A 167 9.94 -9.97 8.06
C VAL A 167 11.17 -9.37 7.38
N LYS A 168 11.61 -9.99 6.28
CA LYS A 168 12.83 -9.53 5.62
C LYS A 168 12.62 -8.28 4.78
N MET A 169 11.43 -8.09 4.20
CA MET A 169 11.17 -6.94 3.34
C MET A 169 10.56 -5.76 4.08
N VAL A 170 9.98 -5.99 5.27
CA VAL A 170 9.22 -4.95 5.94
C VAL A 170 9.77 -4.70 7.34
N LEU A 171 9.76 -5.73 8.18
CA LEU A 171 10.06 -5.52 9.59
C LEU A 171 11.52 -5.16 9.81
N LEU A 172 12.44 -5.88 9.19
CA LEU A 172 13.85 -5.62 9.43
C LEU A 172 14.28 -4.29 8.82
N PRO A 173 13.86 -3.95 7.59
CA PRO A 173 14.18 -2.61 7.08
C PRO A 173 13.67 -1.49 7.98
N ILE A 174 12.46 -1.64 8.52
CA ILE A 174 11.92 -0.64 9.44
C ILE A 174 12.81 -0.54 10.67
N VAL A 175 13.18 -1.68 11.25
CA VAL A 175 14.02 -1.68 12.45
C VAL A 175 15.38 -1.08 12.15
N LEU A 176 15.96 -1.39 10.99
CA LEU A 176 17.19 -0.73 10.57
C LEU A 176 16.97 0.77 10.45
N GLY A 177 15.83 1.18 9.92
CA GLY A 177 15.53 2.61 9.82
C GLY A 177 15.41 3.26 11.19
N LEU A 178 14.79 2.57 12.14
CA LEU A 178 14.68 3.10 13.50
C LEU A 178 16.05 3.24 14.14
N ILE A 179 16.88 2.19 14.04
CA ILE A 179 18.23 2.24 14.60
C ILE A 179 19.01 3.39 13.97
N VAL A 180 19.10 3.40 12.64
CA VAL A 180 19.86 4.42 11.95
C VAL A 180 19.45 5.82 12.41
N HIS A 181 18.16 6.01 12.65
CA HIS A 181 17.67 7.32 13.06
C HIS A 181 18.05 7.63 14.50
N LYS A 182 17.82 6.69 15.41
CA LYS A 182 18.28 6.86 16.79
C LYS A 182 19.78 7.11 16.83
N VAL A 183 20.53 6.51 15.91
CA VAL A 183 21.97 6.69 15.88
C VAL A 183 22.34 8.08 15.35
N LEU A 184 21.81 8.43 14.19
CA LEU A 184 22.17 9.69 13.55
C LEU A 184 21.51 10.90 14.22
N GLY A 185 20.40 10.70 14.91
CA GLY A 185 19.71 11.85 15.49
C GLY A 185 19.21 12.78 14.40
N SER A 186 19.52 14.07 14.56
CA SER A 186 18.96 15.07 13.66
C SER A 186 19.53 14.97 12.24
N LYS A 187 20.76 14.46 12.10
CA LYS A 187 21.35 14.33 10.77
C LYS A 187 20.53 13.41 9.87
N THR A 188 19.63 12.59 10.44
CA THR A 188 18.81 11.71 9.63
C THR A 188 17.98 12.49 8.62
N GLU A 189 17.69 13.76 8.90
CA GLU A 189 16.92 14.57 7.96
C GLU A 189 17.56 14.56 6.57
N LYS A 190 18.88 14.43 6.49
CA LYS A 190 19.57 14.47 5.21
C LYS A 190 19.41 13.17 4.42
N LEU A 191 19.11 12.06 5.11
CA LEU A 191 18.74 10.84 4.40
C LEU A 191 17.29 10.91 3.92
N THR A 192 16.39 11.38 4.80
CA THR A 192 14.97 11.45 4.44
C THR A 192 14.66 12.54 3.44
N ASP A 193 15.58 13.47 3.20
CA ASP A 193 15.40 14.42 2.10
C ASP A 193 15.37 13.70 0.76
N ALA A 194 16.05 12.56 0.66
CA ALA A 194 16.08 11.77 -0.56
C ALA A 194 14.97 10.73 -0.62
N LEU A 195 14.31 10.44 0.50
CA LEU A 195 13.34 9.35 0.56
C LEU A 195 12.25 9.45 -0.49
N PRO A 196 11.59 10.59 -0.69
CA PRO A 196 10.46 10.61 -1.64
C PRO A 196 10.85 10.23 -3.06
N LEU A 197 11.96 10.76 -3.57
CA LEU A 197 12.38 10.41 -4.92
C LEU A 197 12.85 8.97 -5.00
N VAL A 198 13.62 8.52 -4.01
CA VAL A 198 14.06 7.13 -3.98
C VAL A 198 12.86 6.20 -3.94
N SER A 199 11.87 6.50 -3.10
CA SER A 199 10.69 5.65 -3.00
C SER A 199 9.92 5.61 -4.31
N VAL A 200 9.82 6.76 -4.99
CA VAL A 200 9.11 6.81 -6.27
C VAL A 200 9.87 6.00 -7.32
N ALA A 201 11.20 6.16 -7.38
CA ALA A 201 11.99 5.40 -8.34
C ALA A 201 11.85 3.90 -8.09
N ALA A 202 11.94 3.48 -6.83
CA ALA A 202 11.86 2.06 -6.51
C ALA A 202 10.51 1.48 -6.93
N ILE A 203 9.42 2.20 -6.64
CA ILE A 203 8.09 1.65 -6.88
C ILE A 203 7.75 1.64 -8.36
N VAL A 204 8.18 2.66 -9.11
CA VAL A 204 7.91 2.62 -10.56
C VAL A 204 8.73 1.52 -11.21
N LEU A 205 9.92 1.22 -10.68
CA LEU A 205 10.68 0.08 -11.18
C LEU A 205 9.95 -1.23 -10.91
N ILE A 206 9.36 -1.36 -9.71
CA ILE A 206 8.55 -2.54 -9.41
C ILE A 206 7.40 -2.66 -10.41
N ILE A 207 6.67 -1.56 -10.61
CA ILE A 207 5.53 -1.58 -11.53
C ILE A 207 5.98 -1.95 -12.93
N GLY A 208 7.05 -1.31 -13.42
CA GLY A 208 7.52 -1.61 -14.76
C GLY A 208 7.95 -3.06 -14.92
N ALA A 209 8.62 -3.61 -13.90
CA ALA A 209 9.03 -5.01 -13.97
C ALA A 209 7.82 -5.93 -13.96
N VAL A 210 6.81 -5.60 -13.15
CA VAL A 210 5.60 -6.43 -13.09
C VAL A 210 4.85 -6.37 -14.41
N VAL A 211 4.64 -5.15 -14.94
CA VAL A 211 3.89 -4.99 -16.18
C VAL A 211 4.57 -5.74 -17.32
N GLY A 212 5.90 -5.61 -17.42
CA GLY A 212 6.60 -6.29 -18.49
C GLY A 212 6.46 -7.80 -18.43
N ALA A 213 6.59 -8.37 -17.24
CA ALA A 213 6.53 -9.82 -17.11
C ALA A 213 5.14 -10.37 -17.42
N SER A 214 4.10 -9.55 -17.31
CA SER A 214 2.72 -10.01 -17.50
C SER A 214 2.03 -9.32 -18.67
N LYS A 215 2.81 -8.86 -19.66
CA LYS A 215 2.24 -8.15 -20.79
C LYS A 215 1.08 -8.93 -21.41
N GLY A 216 1.30 -10.22 -21.69
CA GLY A 216 0.26 -11.01 -22.34
C GLY A 216 -1.02 -11.09 -21.53
N LYS A 217 -0.90 -11.27 -20.21
CA LYS A 217 -2.09 -11.36 -19.36
C LYS A 217 -2.77 -10.01 -19.21
N ILE A 218 -2.01 -8.91 -19.20
CA ILE A 218 -2.63 -7.59 -19.18
C ILE A 218 -3.41 -7.35 -20.46
N MET A 219 -2.94 -7.88 -21.58
CA MET A 219 -3.64 -7.69 -22.85
C MET A 219 -5.04 -8.29 -22.79
N GLU A 220 -5.19 -9.46 -22.17
CA GLU A 220 -6.48 -10.13 -22.15
C GLU A 220 -7.32 -9.79 -20.92
N SER A 221 -6.68 -9.39 -19.81
CA SER A 221 -7.39 -9.18 -18.55
C SER A 221 -7.06 -7.84 -17.90
N GLY A 222 -6.33 -6.96 -18.58
CA GLY A 222 -5.90 -5.73 -17.94
C GLY A 222 -7.06 -4.83 -17.54
N LEU A 223 -8.08 -4.74 -18.39
CA LEU A 223 -9.22 -3.87 -18.08
C LEU A 223 -10.06 -4.45 -16.94
N LEU A 224 -10.20 -5.77 -16.89
CA LEU A 224 -10.92 -6.38 -15.78
C LEU A 224 -10.21 -6.13 -14.45
N ILE A 225 -8.89 -6.28 -14.43
CA ILE A 225 -8.15 -6.08 -13.19
C ILE A 225 -8.26 -4.63 -12.74
N PHE A 226 -8.19 -3.69 -13.68
CA PHE A 226 -8.33 -2.28 -13.33
C PHE A 226 -9.67 -2.03 -12.66
N ALA A 227 -10.75 -2.56 -13.25
CA ALA A 227 -12.07 -2.33 -12.68
C ALA A 227 -12.19 -2.94 -11.29
N VAL A 228 -11.53 -4.08 -11.05
CA VAL A 228 -11.58 -4.69 -9.73
C VAL A 228 -10.83 -3.84 -8.72
N VAL A 229 -9.68 -3.30 -9.12
CA VAL A 229 -8.91 -2.41 -8.24
C VAL A 229 -9.76 -1.20 -7.85
N VAL A 230 -10.41 -0.58 -8.84
CA VAL A 230 -11.23 0.60 -8.57
C VAL A 230 -12.34 0.24 -7.58
N LEU A 231 -13.03 -0.87 -7.82
CA LEU A 231 -14.09 -1.29 -6.90
C LEU A 231 -13.53 -1.61 -5.53
N HIS A 232 -12.40 -2.33 -5.48
CA HIS A 232 -11.83 -2.74 -4.20
C HIS A 232 -11.38 -1.53 -3.39
N ASN A 233 -10.60 -0.64 -4.02
CA ASN A 233 -10.19 0.60 -3.35
C ASN A 233 -11.39 1.44 -2.97
N GLY A 234 -12.38 1.54 -3.86
CA GLY A 234 -13.51 2.42 -3.60
C GLY A 234 -14.41 1.90 -2.49
N ILE A 235 -14.72 0.61 -2.50
CA ILE A 235 -15.53 0.04 -1.44
C ILE A 235 -14.81 0.12 -0.11
N GLY A 236 -13.48 0.02 -0.12
CA GLY A 236 -12.72 0.23 1.09
C GLY A 236 -13.01 1.57 1.73
N TYR A 237 -12.91 2.65 0.94
CA TYR A 237 -13.25 3.98 1.44
C TYR A 237 -14.65 3.98 2.06
N LEU A 238 -15.62 3.42 1.34
CA LEU A 238 -17.01 3.51 1.78
C LEU A 238 -17.22 2.80 3.11
N LEU A 239 -16.74 1.56 3.22
CA LEU A 239 -16.92 0.81 4.45
C LEU A 239 -16.04 1.34 5.57
N GLY A 240 -14.87 1.88 5.24
CA GLY A 240 -14.06 2.53 6.26
C GLY A 240 -14.75 3.75 6.84
N PHE A 241 -15.36 4.57 5.98
CA PHE A 241 -16.08 5.75 6.44
C PHE A 241 -17.19 5.36 7.41
N PHE A 242 -18.03 4.39 7.02
CA PHE A 242 -19.15 4.02 7.87
C PHE A 242 -18.72 3.18 9.06
N ALA A 243 -17.61 2.45 8.94
CA ALA A 243 -17.03 1.85 10.14
C ALA A 243 -16.71 2.92 11.17
N ALA A 244 -16.11 4.03 10.74
CA ALA A 244 -15.82 5.11 11.66
C ALA A 244 -17.11 5.77 12.16
N LYS A 245 -18.06 6.01 11.26
CA LYS A 245 -19.27 6.72 11.67
C LYS A 245 -20.08 5.90 12.68
N TRP A 246 -20.17 4.59 12.48
CA TRP A 246 -21.00 3.77 13.35
C TRP A 246 -20.33 3.43 14.67
N THR A 247 -19.03 3.68 14.81
CA THR A 247 -18.38 3.65 16.10
C THR A 247 -18.41 5.01 16.80
N GLY A 248 -19.10 6.00 16.23
CA GLY A 248 -19.28 7.28 16.88
C GLY A 248 -18.07 8.19 16.85
N LEU A 249 -17.08 7.91 16.01
CA LEU A 249 -15.90 8.76 15.95
C LEU A 249 -16.25 10.08 15.30
N PRO A 250 -15.46 11.12 15.56
CA PRO A 250 -15.73 12.44 14.95
C PRO A 250 -15.29 12.49 13.50
N TYR A 251 -15.77 13.54 12.83
CA TYR A 251 -15.63 13.64 11.37
C TYR A 251 -14.17 13.54 10.94
N ASP A 252 -13.27 14.21 11.64
CA ASP A 252 -11.85 14.16 11.27
C ASP A 252 -11.32 12.74 11.32
N ALA A 253 -11.79 11.92 12.26
CA ALA A 253 -11.39 10.52 12.32
C ALA A 253 -12.07 9.69 11.25
N GLN A 254 -13.31 10.02 10.90
CA GLN A 254 -13.98 9.35 9.79
C GLN A 254 -13.18 9.49 8.50
N LYS A 255 -12.73 10.71 8.20
CA LYS A 255 -11.91 10.92 7.02
C LYS A 255 -10.64 10.10 7.08
N THR A 256 -10.01 10.05 8.25
CA THR A 256 -8.74 9.34 8.39
C THR A 256 -8.91 7.84 8.09
N LEU A 257 -9.95 7.24 8.65
CA LEU A 257 -10.11 5.79 8.50
C LEU A 257 -10.70 5.41 7.15
N THR A 258 -11.48 6.30 6.53
CA THR A 258 -11.83 6.12 5.12
C THR A 258 -10.57 5.92 4.29
N ILE A 259 -9.66 6.89 4.39
CA ILE A 259 -8.43 6.86 3.60
C ILE A 259 -7.53 5.71 4.04
N GLU A 260 -7.46 5.47 5.35
CA GLU A 260 -6.60 4.40 5.85
C GLU A 260 -7.00 3.05 5.29
N VAL A 261 -8.31 2.77 5.25
CA VAL A 261 -8.76 1.45 4.82
C VAL A 261 -8.56 1.26 3.32
N GLY A 262 -8.88 2.28 2.53
CA GLY A 262 -8.86 2.12 1.09
C GLY A 262 -7.47 2.11 0.48
N MET A 263 -6.52 2.79 1.11
CA MET A 263 -5.16 2.83 0.60
C MET A 263 -4.33 1.70 1.20
N GLN A 264 -3.59 1.00 0.35
CA GLN A 264 -2.91 -0.23 0.70
C GLN A 264 -1.41 -0.11 0.46
N ASN A 265 -0.64 -0.92 1.19
CA ASN A 265 0.76 -1.14 0.84
C ASN A 265 0.78 -2.13 -0.32
N SER A 266 0.38 -1.63 -1.49
CA SER A 266 0.30 -2.47 -2.68
C SER A 266 1.67 -2.82 -3.24
N GLY A 267 2.71 -2.07 -2.87
CA GLY A 267 4.06 -2.48 -3.21
C GLY A 267 4.41 -3.82 -2.57
N LEU A 268 3.98 -4.02 -1.33
CA LEU A 268 4.25 -5.29 -0.67
C LEU A 268 3.52 -6.44 -1.36
N ALA A 269 2.25 -6.23 -1.74
CA ALA A 269 1.53 -7.26 -2.48
C ALA A 269 2.26 -7.66 -3.75
N ALA A 270 2.77 -6.67 -4.49
CA ALA A 270 3.51 -6.99 -5.71
C ALA A 270 4.79 -7.75 -5.40
N ALA A 271 5.50 -7.35 -4.35
CA ALA A 271 6.76 -8.03 -4.01
C ALA A 271 6.50 -9.45 -3.53
N LEU A 272 5.43 -9.65 -2.73
CA LEU A 272 5.12 -11.00 -2.28
C LEU A 272 4.72 -11.91 -3.45
N ALA A 273 3.96 -11.36 -4.41
CA ALA A 273 3.59 -12.14 -5.58
C ALA A 273 4.82 -12.48 -6.42
N ALA A 274 5.72 -11.51 -6.61
CA ALA A 274 6.96 -11.77 -7.35
C ALA A 274 7.78 -12.84 -6.66
N ALA A 275 7.79 -12.84 -5.32
CA ALA A 275 8.64 -13.76 -4.58
C ALA A 275 8.03 -15.14 -4.48
N HIS A 276 6.71 -15.23 -4.29
CA HIS A 276 6.06 -16.49 -4.00
C HIS A 276 5.22 -17.06 -5.13
N PHE A 277 4.84 -16.24 -6.11
CA PHE A 277 4.05 -16.68 -7.25
C PHE A 277 4.73 -16.28 -8.55
N ALA A 278 6.05 -16.48 -8.62
CA ALA A 278 6.83 -15.93 -9.73
C ALA A 278 6.47 -16.57 -11.06
N ALA A 279 6.07 -17.84 -11.06
CA ALA A 279 5.66 -18.48 -12.29
C ALA A 279 4.30 -18.01 -12.79
N ALA A 280 3.62 -17.14 -12.02
CA ALA A 280 2.33 -16.59 -12.42
C ALA A 280 2.41 -15.06 -12.30
N PRO A 281 3.07 -14.41 -13.26
CA PRO A 281 3.31 -12.96 -13.12
C PRO A 281 2.06 -12.12 -12.93
N VAL A 282 0.90 -12.55 -13.45
CA VAL A 282 -0.28 -11.72 -13.33
C VAL A 282 -0.73 -11.55 -11.88
N VAL A 283 -0.26 -12.43 -10.98
CA VAL A 283 -0.64 -12.31 -9.58
C VAL A 283 -0.19 -10.98 -8.99
N ALA A 284 0.92 -10.44 -9.50
CA ALA A 284 1.46 -9.18 -9.01
C ALA A 284 0.81 -7.96 -9.65
N VAL A 285 0.00 -8.13 -10.67
CA VAL A 285 -0.54 -7.01 -11.44
C VAL A 285 -1.54 -6.21 -10.62
N PRO A 286 -2.48 -6.84 -9.90
CA PRO A 286 -3.39 -6.05 -9.06
C PRO A 286 -2.66 -5.11 -8.12
N GLY A 287 -1.63 -5.61 -7.44
CA GLY A 287 -0.85 -4.75 -6.57
C GLY A 287 -0.20 -3.60 -7.31
N ALA A 288 0.36 -3.87 -8.50
CA ALA A 288 1.01 -2.82 -9.26
C ALA A 288 0.02 -1.72 -9.66
N LEU A 289 -1.15 -2.12 -10.15
CA LEU A 289 -2.14 -1.14 -10.57
C LEU A 289 -2.70 -0.38 -9.36
N PHE A 290 -2.94 -1.09 -8.26
CA PHE A 290 -3.45 -0.46 -7.05
C PHE A 290 -2.54 0.68 -6.60
N SER A 291 -1.22 0.47 -6.67
CA SER A 291 -0.28 1.50 -6.26
C SER A 291 -0.46 2.77 -7.07
N VAL A 292 -0.88 2.63 -8.33
CA VAL A 292 -1.15 3.81 -9.15
C VAL A 292 -2.52 4.38 -8.81
N TRP A 293 -3.56 3.53 -8.83
CA TRP A 293 -4.92 4.05 -8.73
C TRP A 293 -5.18 4.71 -7.39
N HIS A 294 -4.74 4.08 -6.29
CA HIS A 294 -5.12 4.58 -4.97
C HIS A 294 -4.53 5.95 -4.69
N ASN A 295 -3.46 6.34 -5.40
CA ASN A 295 -2.97 7.72 -5.30
C ASN A 295 -3.87 8.67 -6.07
N ILE A 296 -4.42 8.23 -7.20
CA ILE A 296 -5.40 9.05 -7.92
C ILE A 296 -6.67 9.19 -7.10
N SER A 297 -7.23 8.07 -6.64
CA SER A 297 -8.49 8.12 -5.91
C SER A 297 -8.34 8.83 -4.57
N GLY A 298 -7.26 8.55 -3.85
CA GLY A 298 -7.01 9.25 -2.60
C GLY A 298 -6.85 10.75 -2.79
N SER A 299 -6.17 11.15 -3.86
CA SER A 299 -6.01 12.57 -4.15
C SER A 299 -7.35 13.24 -4.43
N LEU A 300 -8.20 12.58 -5.22
CA LEU A 300 -9.52 13.15 -5.49
C LEU A 300 -10.33 13.28 -4.21
N LEU A 301 -10.30 12.24 -3.37
CA LEU A 301 -11.03 12.27 -2.12
C LEU A 301 -10.48 13.38 -1.21
N ALA A 302 -9.17 13.46 -1.09
CA ALA A 302 -8.57 14.47 -0.22
C ALA A 302 -8.85 15.88 -0.75
N THR A 303 -8.77 16.07 -2.06
CA THR A 303 -9.10 17.36 -2.65
C THR A 303 -10.55 17.73 -2.36
N TYR A 304 -11.47 16.76 -2.48
CA TYR A 304 -12.87 17.02 -2.21
C TYR A 304 -13.08 17.45 -0.76
N TRP A 305 -12.48 16.72 0.18
CA TRP A 305 -12.69 17.03 1.59
C TRP A 305 -11.99 18.31 2.02
N ALA A 306 -10.83 18.61 1.43
CA ALA A 306 -10.18 19.89 1.73
C ALA A 306 -11.04 21.06 1.27
N ALA A 307 -11.63 20.96 0.08
CA ALA A 307 -12.50 22.03 -0.39
C ALA A 307 -13.71 22.19 0.52
N LYS A 308 -14.24 21.07 1.04
CA LYS A 308 -15.37 21.16 1.96
C LYS A 308 -14.97 21.79 3.29
N ALA A 309 -13.71 21.60 3.70
CA ALA A 309 -13.21 22.19 4.93
C ALA A 309 -12.81 23.66 4.77
N GLY A 310 -12.95 24.23 3.58
CA GLY A 310 -12.76 25.65 3.37
C GLY A 310 -11.49 26.07 2.67
N LYS A 311 -10.74 25.14 2.09
CA LYS A 311 -9.49 25.51 1.42
C LYS A 311 -9.80 26.28 0.15
N HIS A 312 -9.17 27.45 -0.01
CA HIS A 312 -9.40 28.30 -1.16
C HIS A 312 -8.85 27.67 -2.43
#